data_7K2L
#
_entry.id   7K2L
#
_cell.length_a   162.486
_cell.length_b   68.683
_cell.length_c   77.348
_cell.angle_alpha   90.000
_cell.angle_beta   117.934
_cell.angle_gamma   90.000
#
_symmetry.space_group_name_H-M   'C 1 2 1'
#
loop_
_entity.id
_entity.type
_entity.pdbx_description
1 polymer 'Kelch-like ECH-associated protein 1'
2 polymer 'Kelch-like ECH-associated protein 1'
3 polymer 'Nrf2 cyclic peptide,c[BAL-NPETGE]'
4 water water
#
loop_
_entity_poly.entity_id
_entity_poly.type
_entity_poly.pdbx_seq_one_letter_code
_entity_poly.pdbx_strand_id
1 'polypeptide(L)'
;RLIYTAGGYFRQSLSYLEAYNPSDGTWLRLADLQVPRSGLAGCVVGGLLYAVGGRNNSPDGNTDSSALDCYNPMTNQWSP
CAPMSVPRNRIGVGVIDGHIYAVGGSHGCIHHNSVERYEPERDEWHLVAPMLTRRIGVGVAVLNRLLYAVGGFDGTNRLN
SAECYYPERNEWRMITAMNTIRSGAGVCVLHNCIYAAGGYDGQDQLNSVERYDVATATWTFVAPMKHRRSALGITVHQGR
IYVLGGYDGHTFLDSVECYDPDTDTWSEVTRMTSGRSGVGVAVTMEPSR
;
B
2 'polypeptide(L)'
;RLIYTAGGYFRQSLSYLEAYNPSDGTWLRLADLQVPRSGLAGCVVGGLLYAVGGRNNSPDGNTDSSALDCYNPMTNQWSP
CAPMSVPRNRIGVGVIDGHIYAVGGSHGCIHHNSVERYEPERDEWHLVAPMLTRRIGVGVAVLNRLLYAVGGFDGTNRLN
SAECYYPERNEWRMITAMNTIRSGAGVCVLHNCIYAAGGYDGQDQLNSVERYDVATATWTFVAPMKHRRSALGITVHQGR
IYVLGGYDGHTFLDSVECYDPDTDTWSEVTRMTSGRSGVGVAVT
;
A
3 'polypeptide(L)' (BAL)NPETGE P
#
# COMPACT_ATOMS: atom_id res chain seq x y z
N ARG A 1 10.76 1.74 -20.99
CA ARG A 1 11.49 1.28 -19.80
C ARG A 1 12.37 0.00 -20.02
N LEU A 2 13.54 -0.04 -19.39
CA LEU A 2 14.52 -1.10 -19.58
C LEU A 2 14.83 -1.74 -18.23
N ILE A 3 15.36 -2.96 -18.30
CA ILE A 3 15.83 -3.68 -17.12
C ILE A 3 17.33 -3.40 -17.00
N TYR A 4 17.72 -2.65 -15.98
CA TYR A 4 19.11 -2.28 -15.78
C TYR A 4 19.74 -3.28 -14.82
N THR A 5 20.94 -3.78 -15.16
CA THR A 5 21.73 -4.60 -14.23
C THR A 5 23.06 -3.92 -13.96
N ALA A 6 23.41 -3.80 -12.67
CA ALA A 6 24.60 -3.10 -12.21
C ALA A 6 25.45 -4.05 -11.41
N GLY A 7 26.77 -4.02 -11.66
CA GLY A 7 27.70 -4.78 -10.82
C GLY A 7 27.57 -6.28 -11.07
N GLY A 8 28.01 -7.04 -10.06
CA GLY A 8 27.93 -8.47 -10.16
C GLY A 8 29.30 -9.04 -9.91
N TYR A 9 29.40 -10.34 -10.12
CA TYR A 9 30.64 -11.05 -9.81
C TYR A 9 30.89 -12.13 -10.85
N PHE A 10 32.12 -12.16 -11.40
CA PHE A 10 32.63 -13.29 -12.18
C PHE A 10 34.16 -13.25 -12.04
N ARG A 11 34.69 -14.12 -11.19
CA ARG A 11 36.13 -14.14 -10.88
C ARG A 11 36.52 -12.91 -10.04
N GLN A 12 35.88 -11.76 -10.30
CA GLN A 12 36.07 -10.59 -9.46
C GLN A 12 34.79 -9.77 -9.56
N SER A 13 34.67 -8.77 -8.70
CA SER A 13 33.52 -7.88 -8.77
C SER A 13 33.58 -7.06 -10.06
N LEU A 14 32.40 -6.63 -10.55
CA LEU A 14 32.27 -6.08 -11.90
C LEU A 14 31.71 -4.65 -11.83
N SER A 15 32.01 -3.85 -12.85
CA SER A 15 31.47 -2.47 -12.90
C SER A 15 30.40 -2.24 -13.94
N TYR A 16 29.97 -3.31 -14.64
CA TYR A 16 29.03 -3.19 -15.77
C TYR A 16 27.71 -2.57 -15.34
N LEU A 17 27.23 -1.63 -16.13
CA LEU A 17 25.83 -1.24 -16.13
C LEU A 17 25.32 -1.52 -17.54
N GLU A 18 24.38 -2.44 -17.67
CA GLU A 18 23.79 -2.77 -18.98
C GLU A 18 22.29 -2.80 -18.83
N ALA A 19 21.57 -2.44 -19.90
CA ALA A 19 20.11 -2.31 -19.83
C ALA A 19 19.48 -3.14 -20.94
N TYR A 20 18.56 -4.01 -20.56
CA TYR A 20 17.90 -4.96 -21.44
C TYR A 20 16.54 -4.42 -21.87
N ASN A 21 16.28 -4.55 -23.17
CA ASN A 21 15.00 -4.12 -23.76
C ASN A 21 14.19 -5.35 -24.07
N PRO A 22 13.16 -5.68 -23.29
CA PRO A 22 12.46 -6.95 -23.53
C PRO A 22 11.79 -7.02 -24.88
N SER A 23 11.49 -5.86 -25.49
CA SER A 23 10.89 -5.81 -26.83
C SER A 23 11.88 -6.18 -27.93
N ASP A 24 12.96 -5.42 -28.05
CA ASP A 24 13.84 -5.63 -29.19
C ASP A 24 15.05 -6.51 -28.86
N GLY A 25 15.14 -7.01 -27.63
CA GLY A 25 16.15 -7.98 -27.19
C GLY A 25 17.55 -7.45 -26.97
N THR A 26 17.79 -6.13 -27.14
CA THR A 26 19.15 -5.60 -27.03
C THR A 26 19.57 -5.42 -25.57
N TRP A 27 20.88 -5.51 -25.35
CA TRP A 27 21.58 -5.12 -24.13
C TRP A 27 22.36 -3.87 -24.46
N LEU A 28 22.04 -2.78 -23.78
CA LEU A 28 22.73 -1.50 -23.98
C LEU A 28 23.83 -1.41 -22.93
N ARG A 29 25.03 -1.01 -23.33
CA ARG A 29 26.14 -0.85 -22.41
C ARG A 29 26.25 0.62 -22.00
N LEU A 30 26.18 0.89 -20.71
CA LEU A 30 26.06 2.25 -20.20
C LEU A 30 27.28 2.55 -19.32
N ALA A 31 27.28 3.70 -18.65
CA ALA A 31 28.46 4.11 -17.88
C ALA A 31 28.75 3.11 -16.77
N ASP A 32 30.02 2.73 -16.66
CA ASP A 32 30.50 1.83 -15.58
C ASP A 32 30.19 2.44 -14.22
N LEU A 33 29.85 1.60 -13.26
CA LEU A 33 29.95 2.01 -11.86
C LEU A 33 31.33 2.59 -11.58
N GLN A 34 31.38 3.51 -10.62
CA GLN A 34 32.65 4.12 -10.23
C GLN A 34 33.58 3.09 -9.59
N VAL A 35 33.00 2.16 -8.83
CA VAL A 35 33.78 1.09 -8.18
C VAL A 35 33.16 -0.26 -8.53
N PRO A 36 33.95 -1.28 -8.89
CA PRO A 36 33.37 -2.62 -9.05
C PRO A 36 32.72 -3.13 -7.76
N ARG A 37 31.54 -3.71 -7.89
CA ARG A 37 30.84 -4.22 -6.71
C ARG A 37 29.97 -5.40 -7.09
N SER A 38 29.92 -6.36 -6.19
CA SER A 38 29.01 -7.50 -6.24
C SER A 38 28.27 -7.54 -4.92
N GLY A 39 27.16 -8.30 -4.87
CA GLY A 39 26.38 -8.38 -3.65
C GLY A 39 25.64 -7.09 -3.32
N LEU A 40 25.50 -6.20 -4.31
CA LEU A 40 24.81 -4.94 -4.08
C LEU A 40 23.32 -5.17 -4.36
N ALA A 41 22.50 -4.13 -4.13
CA ALA A 41 21.11 -4.18 -4.55
C ALA A 41 20.85 -2.96 -5.40
N GLY A 42 19.85 -3.06 -6.25
CA GLY A 42 19.42 -1.92 -7.07
C GLY A 42 17.99 -1.52 -6.75
N CYS A 43 17.68 -0.24 -7.01
CA CYS A 43 16.29 0.20 -6.90
C CYS A 43 16.17 1.51 -7.69
N VAL A 44 14.94 1.97 -7.85
CA VAL A 44 14.69 3.22 -8.58
C VAL A 44 13.80 4.12 -7.73
N VAL A 45 14.21 5.39 -7.57
CA VAL A 45 13.35 6.36 -6.90
C VAL A 45 13.28 7.61 -7.79
N GLY A 46 12.07 8.12 -7.98
CA GLY A 46 11.91 9.09 -9.04
C GLY A 46 12.17 8.34 -10.33
N GLY A 47 13.05 8.86 -11.14
CA GLY A 47 13.38 7.97 -12.22
C GLY A 47 14.84 7.56 -12.13
N LEU A 48 15.48 7.70 -10.95
CA LEU A 48 16.92 7.55 -10.86
C LEU A 48 17.23 6.15 -10.33
N LEU A 49 18.29 5.55 -10.86
CA LEU A 49 18.69 4.20 -10.46
C LEU A 49 19.74 4.28 -9.35
N TYR A 50 19.54 3.55 -8.27
CA TYR A 50 20.46 3.57 -7.16
C TYR A 50 21.14 2.19 -7.03
N ALA A 51 22.46 2.21 -6.82
CA ALA A 51 23.27 1.01 -6.52
C ALA A 51 23.68 1.12 -5.06
N VAL A 52 23.29 0.12 -4.25
CA VAL A 52 23.37 0.19 -2.80
C VAL A 52 24.25 -0.95 -2.26
N GLY A 53 25.27 -0.59 -1.47
CA GLY A 53 26.04 -1.62 -0.74
C GLY A 53 26.88 -2.49 -1.66
N GLY A 54 27.11 -3.73 -1.21
CA GLY A 54 27.90 -4.68 -1.94
C GLY A 54 29.31 -4.84 -1.40
N ARG A 55 30.20 -5.28 -2.29
CA ARG A 55 31.57 -5.58 -1.93
C ARG A 55 32.44 -5.50 -3.19
N ASN A 56 33.67 -4.98 -3.06
CA ASN A 56 34.62 -4.94 -4.16
C ASN A 56 35.65 -6.04 -3.92
N ASN A 57 35.47 -7.18 -4.59
CA ASN A 57 36.44 -8.29 -4.62
C ASN A 57 37.30 -8.08 -5.85
N SER A 58 38.56 -7.72 -5.65
CA SER A 58 39.45 -7.41 -6.75
C SER A 58 40.77 -8.15 -6.55
N PRO A 59 41.57 -8.30 -7.60
CA PRO A 59 42.85 -9.02 -7.44
C PRO A 59 43.75 -8.39 -6.38
N ASP A 60 43.50 -7.14 -5.99
CA ASP A 60 44.36 -6.40 -5.08
C ASP A 60 43.73 -6.19 -3.72
N GLY A 61 42.53 -6.68 -3.47
CA GLY A 61 41.89 -6.38 -2.21
C GLY A 61 40.44 -6.80 -2.21
N ASN A 62 39.82 -6.65 -1.05
CA ASN A 62 38.46 -7.14 -0.87
C ASN A 62 37.79 -6.28 0.20
N THR A 63 36.99 -5.29 -0.20
CA THR A 63 36.39 -4.40 0.78
C THR A 63 34.87 -4.39 0.67
N ASP A 64 34.16 -4.64 1.78
CA ASP A 64 32.71 -4.40 1.70
C ASP A 64 32.48 -2.91 1.47
N SER A 65 31.29 -2.58 0.96
CA SER A 65 30.96 -1.22 0.56
C SER A 65 29.72 -0.72 1.31
N SER A 66 29.81 0.50 1.89
CA SER A 66 28.62 1.22 2.38
C SER A 66 28.05 2.20 1.36
N ALA A 67 28.58 2.19 0.14
CA ALA A 67 28.35 3.27 -0.80
C ALA A 67 26.92 3.23 -1.31
N LEU A 68 26.40 4.41 -1.58
CA LEU A 68 25.17 4.59 -2.33
C LEU A 68 25.53 5.46 -3.53
N ASP A 69 25.20 4.98 -4.75
CA ASP A 69 25.48 5.76 -5.96
C ASP A 69 24.26 5.83 -6.86
N CYS A 70 24.14 6.93 -7.62
CA CYS A 70 22.91 7.24 -8.32
C CYS A 70 23.20 7.43 -9.82
N TYR A 71 22.43 6.74 -10.66
CA TYR A 71 22.59 6.75 -12.10
C TYR A 71 21.39 7.47 -12.72
N ASN A 72 21.68 8.46 -13.58
CA ASN A 72 20.63 9.22 -14.28
C ASN A 72 20.58 8.84 -15.75
N PRO A 73 19.54 8.12 -16.17
CA PRO A 73 19.47 7.67 -17.58
C PRO A 73 19.40 8.84 -18.57
N MET A 74 19.14 10.07 -18.08
CA MET A 74 19.06 11.23 -18.98
C MET A 74 20.44 11.76 -19.30
N THR A 75 21.39 11.56 -18.38
CA THR A 75 22.76 11.98 -18.59
C THR A 75 23.73 10.83 -18.83
N ASN A 76 23.30 9.60 -18.61
CA ASN A 76 24.21 8.46 -18.58
C ASN A 76 25.42 8.76 -17.70
N GLN A 77 25.16 9.30 -16.51
CA GLN A 77 26.20 9.58 -15.54
C GLN A 77 25.81 9.05 -14.15
N TRP A 78 26.81 8.54 -13.43
CA TRP A 78 26.74 8.17 -12.00
C TRP A 78 27.17 9.36 -11.16
N SER A 79 26.57 9.51 -9.99
CA SER A 79 26.90 10.53 -8.99
C SER A 79 26.88 9.82 -7.64
N PRO A 80 27.84 10.06 -6.77
CA PRO A 80 27.76 9.48 -5.44
C PRO A 80 26.66 10.13 -4.64
N CYS A 81 26.21 9.38 -3.64
CA CYS A 81 25.32 9.84 -2.57
C CYS A 81 26.02 9.66 -1.23
N ALA A 82 25.39 10.17 -0.18
CA ALA A 82 25.94 9.93 1.14
C ALA A 82 25.92 8.43 1.38
N PRO A 83 26.91 7.88 2.07
CA PRO A 83 26.95 6.43 2.34
C PRO A 83 26.15 6.02 3.58
N MET A 84 25.84 4.73 3.61
CA MET A 84 25.20 4.12 4.76
C MET A 84 26.13 4.20 5.96
N SER A 85 25.55 3.94 7.13
CA SER A 85 26.35 3.96 8.36
C SER A 85 27.35 2.83 8.42
N VAL A 86 27.15 1.72 7.69
CA VAL A 86 28.11 0.61 7.72
C VAL A 86 28.16 -0.04 6.35
N PRO A 87 29.24 -0.72 6.01
CA PRO A 87 29.22 -1.53 4.78
C PRO A 87 28.24 -2.70 4.91
N ARG A 88 27.65 -3.07 3.77
CA ARG A 88 26.61 -4.10 3.74
C ARG A 88 26.77 -4.87 2.44
N ASN A 89 27.55 -5.94 2.50
CA ASN A 89 27.63 -6.90 1.41
C ASN A 89 26.43 -7.85 1.47
N ARG A 90 25.90 -8.22 0.29
CA ARG A 90 24.74 -9.13 0.22
C ARG A 90 23.56 -8.53 0.95
N ILE A 91 23.31 -7.24 0.62
CA ILE A 91 22.24 -6.42 1.16
C ILE A 91 20.93 -6.73 0.44
N GLY A 92 19.81 -6.41 1.11
CA GLY A 92 18.52 -6.26 0.43
C GLY A 92 18.00 -4.85 0.65
N VAL A 93 17.20 -4.33 -0.30
CA VAL A 93 16.65 -2.98 -0.16
C VAL A 93 15.20 -2.96 -0.63
N GLY A 94 14.47 -1.96 -0.12
CA GLY A 94 13.12 -1.74 -0.61
C GLY A 94 12.83 -0.27 -0.50
N VAL A 95 11.85 0.16 -1.27
CA VAL A 95 11.48 1.58 -1.41
C VAL A 95 10.08 1.77 -0.86
N ILE A 96 9.92 2.73 0.04
CA ILE A 96 8.63 3.06 0.62
C ILE A 96 8.52 4.59 0.64
N ASP A 97 7.49 5.11 -0.01
CA ASP A 97 7.23 6.56 0.13
C ASP A 97 8.40 7.37 -0.39
N GLY A 98 9.03 6.87 -1.45
CA GLY A 98 10.21 7.54 -1.99
C GLY A 98 11.47 7.51 -1.15
N HIS A 99 11.52 6.67 -0.11
CA HIS A 99 12.69 6.48 0.73
C HIS A 99 13.23 5.06 0.55
N ILE A 100 14.56 4.91 0.62
CA ILE A 100 15.24 3.63 0.37
C ILE A 100 15.60 3.01 1.71
N TYR A 101 15.13 1.78 1.99
CA TYR A 101 15.51 1.04 3.17
C TYR A 101 16.59 0.03 2.78
N ALA A 102 17.69 0.07 3.52
CA ALA A 102 18.81 -0.85 3.41
C ALA A 102 18.74 -1.83 4.57
N VAL A 103 18.79 -3.13 4.25
CA VAL A 103 18.42 -4.18 5.17
C VAL A 103 19.53 -5.22 5.23
N GLY A 104 20.04 -5.49 6.45
CA GLY A 104 20.91 -6.65 6.66
C GLY A 104 22.25 -6.49 5.95
N GLY A 105 22.77 -7.59 5.47
CA GLY A 105 24.06 -7.60 4.80
C GLY A 105 25.17 -7.97 5.81
N SER A 106 26.39 -8.05 5.32
CA SER A 106 27.56 -8.35 6.15
C SER A 106 28.62 -7.28 5.97
N HIS A 107 29.45 -7.17 7.00
CA HIS A 107 30.69 -6.39 6.97
C HIS A 107 31.75 -7.28 7.60
N GLY A 108 32.62 -7.85 6.79
CA GLY A 108 33.57 -8.82 7.36
C GLY A 108 32.79 -9.96 8.02
N CYS A 109 33.08 -10.23 9.29
CA CYS A 109 32.37 -11.27 10.01
CA CYS A 109 32.39 -11.25 10.06
C CYS A 109 31.11 -10.75 10.71
N ILE A 110 30.80 -9.45 10.59
CA ILE A 110 29.57 -8.94 11.20
C ILE A 110 28.39 -9.24 10.29
N HIS A 111 27.35 -9.86 10.84
CA HIS A 111 26.11 -10.13 10.13
C HIS A 111 25.08 -9.17 10.66
N HIS A 112 24.66 -8.22 9.84
CA HIS A 112 23.81 -7.16 10.35
C HIS A 112 22.39 -7.67 10.59
N ASN A 113 21.80 -7.25 11.71
CA ASN A 113 20.36 -7.13 11.81
C ASN A 113 19.91 -5.68 11.63
N SER A 114 20.85 -4.74 11.52
CA SER A 114 20.47 -3.33 11.44
C SER A 114 19.86 -2.98 10.08
N VAL A 115 19.12 -1.87 10.07
CA VAL A 115 18.33 -1.36 8.96
C VAL A 115 18.40 0.16 8.99
N GLU A 116 18.55 0.78 7.82
CA GLU A 116 18.61 2.24 7.79
C GLU A 116 17.88 2.74 6.57
N ARG A 117 17.48 4.00 6.62
CA ARG A 117 16.57 4.62 5.66
C ARG A 117 17.21 5.85 5.02
N TYR A 118 17.14 5.94 3.71
CA TYR A 118 17.74 7.04 2.97
C TYR A 118 16.66 7.94 2.42
N GLU A 119 16.85 9.25 2.61
CA GLU A 119 15.91 10.26 2.09
C GLU A 119 16.62 11.07 1.01
N PRO A 120 16.25 10.83 -0.26
CA PRO A 120 16.96 11.45 -1.38
C PRO A 120 16.88 12.98 -1.36
N GLU A 121 15.77 13.54 -0.87
CA GLU A 121 15.63 14.99 -0.94
C GLU A 121 16.53 15.68 0.07
N ARG A 122 17.02 14.95 1.08
CA ARG A 122 17.99 15.47 2.02
C ARG A 122 19.37 14.84 1.82
N ASP A 123 19.49 13.85 0.94
CA ASP A 123 20.70 13.05 0.81
C ASP A 123 21.18 12.63 2.20
N GLU A 124 20.31 11.92 2.94
CA GLU A 124 20.78 11.48 4.25
C GLU A 124 20.17 10.15 4.69
N TRP A 125 20.97 9.41 5.45
CA TRP A 125 20.65 8.11 6.01
C TRP A 125 20.40 8.24 7.50
N HIS A 126 19.42 7.48 8.01
CA HIS A 126 19.15 7.38 9.44
C HIS A 126 18.82 5.94 9.81
N LEU A 127 19.33 5.47 10.95
CA LEU A 127 19.06 4.11 11.38
C LEU A 127 17.62 3.97 11.85
N VAL A 128 17.03 2.82 11.54
CA VAL A 128 15.69 2.54 12.07
C VAL A 128 15.78 1.30 12.97
N ALA A 129 14.64 0.79 13.42
CA ALA A 129 14.65 -0.35 14.31
C ALA A 129 15.34 -1.54 13.63
N PRO A 130 16.16 -2.30 14.33
CA PRO A 130 16.80 -3.46 13.71
C PRO A 130 15.83 -4.63 13.58
N MET A 131 16.11 -5.49 12.60
CA MET A 131 15.36 -6.71 12.43
C MET A 131 15.44 -7.61 13.65
N LEU A 132 14.51 -8.56 13.73
CA LEU A 132 14.58 -9.59 14.75
C LEU A 132 15.72 -10.56 14.52
N THR A 133 16.28 -10.59 13.31
CA THR A 133 17.20 -11.64 12.87
C THR A 133 18.37 -10.99 12.12
N ARG A 134 19.58 -11.50 12.33
CA ARG A 134 20.69 -11.12 11.47
C ARG A 134 20.53 -11.82 10.13
N ARG A 135 20.56 -11.08 9.01
CA ARG A 135 20.25 -11.67 7.70
C ARG A 135 21.21 -11.11 6.66
N ILE A 136 22.03 -11.98 6.08
CA ILE A 136 22.80 -11.59 4.92
C ILE A 136 22.29 -12.41 3.75
N GLY A 137 22.41 -11.84 2.55
CA GLY A 137 21.71 -12.43 1.41
C GLY A 137 20.22 -12.49 1.63
N VAL A 138 19.67 -11.45 2.26
CA VAL A 138 18.26 -11.37 2.56
C VAL A 138 17.51 -10.81 1.36
N GLY A 139 16.34 -11.36 1.05
CA GLY A 139 15.50 -10.78 -0.03
C GLY A 139 14.50 -9.80 0.58
N VAL A 140 14.21 -8.69 -0.13
CA VAL A 140 13.46 -7.60 0.45
C VAL A 140 12.42 -7.18 -0.57
N ALA A 141 11.20 -6.94 -0.11
CA ALA A 141 10.15 -6.45 -0.99
C ALA A 141 9.20 -5.58 -0.20
N VAL A 142 8.46 -4.73 -0.89
CA VAL A 142 7.52 -3.82 -0.25
C VAL A 142 6.12 -4.11 -0.75
N LEU A 143 5.21 -4.26 0.19
CA LEU A 143 3.84 -4.53 -0.20
C LEU A 143 2.97 -3.67 0.68
N ASN A 144 2.17 -2.80 0.05
CA ASN A 144 1.27 -1.90 0.77
C ASN A 144 2.01 -1.10 1.84
N ARG A 145 3.18 -0.59 1.48
CA ARG A 145 4.00 0.27 2.33
C ARG A 145 4.44 -0.42 3.61
N LEU A 146 4.51 -1.76 3.58
CA LEU A 146 5.18 -2.50 4.62
C LEU A 146 6.40 -3.18 3.98
N LEU A 147 7.47 -3.29 4.76
CA LEU A 147 8.75 -3.73 4.22
C LEU A 147 9.03 -5.15 4.71
N TYR A 148 9.26 -6.09 3.79
CA TYR A 148 9.44 -7.50 4.13
C TYR A 148 10.90 -7.91 3.91
N ALA A 149 11.46 -8.63 4.89
CA ALA A 149 12.77 -9.24 4.79
C ALA A 149 12.61 -10.77 4.87
N VAL A 150 13.13 -11.48 3.86
CA VAL A 150 12.78 -12.87 3.60
C VAL A 150 14.06 -13.70 3.55
N GLY A 151 14.12 -14.77 4.33
CA GLY A 151 15.29 -15.67 4.24
C GLY A 151 16.59 -14.98 4.62
N GLY A 152 17.69 -15.50 4.06
CA GLY A 152 19.06 -15.06 4.30
C GLY A 152 19.86 -16.08 5.13
N PHE A 153 20.96 -15.59 5.68
CA PHE A 153 21.94 -16.42 6.40
C PHE A 153 22.36 -15.64 7.63
N ASP A 154 22.29 -16.24 8.82
CA ASP A 154 22.56 -15.45 10.01
C ASP A 154 24.00 -15.57 10.49
N GLY A 155 24.85 -16.17 9.67
CA GLY A 155 26.24 -16.44 10.03
C GLY A 155 26.48 -17.88 10.45
N THR A 156 25.44 -18.61 10.84
CA THR A 156 25.53 -20.00 11.27
C THR A 156 24.49 -20.85 10.56
N ASN A 157 23.24 -20.33 10.53
CA ASN A 157 22.11 -21.02 9.92
C ASN A 157 21.56 -20.21 8.76
N ARG A 158 21.15 -20.89 7.67
CA ARG A 158 20.29 -20.28 6.66
C ARG A 158 18.81 -20.38 7.07
N LEU A 159 18.01 -19.43 6.52
CA LEU A 159 16.73 -19.05 7.10
C LEU A 159 15.60 -19.23 6.11
N ASN A 160 14.48 -19.74 6.60
CA ASN A 160 13.21 -19.63 5.91
C ASN A 160 12.30 -18.63 6.57
N SER A 161 12.70 -18.03 7.69
CA SER A 161 11.81 -17.09 8.34
C SER A 161 11.68 -15.84 7.48
N ALA A 162 10.59 -15.12 7.73
CA ALA A 162 10.34 -13.81 7.12
C ALA A 162 9.81 -12.92 8.21
N GLU A 163 10.13 -11.62 8.12
CA GLU A 163 9.60 -10.62 9.04
C GLU A 163 9.23 -9.36 8.27
N CYS A 164 8.41 -8.54 8.91
CA CYS A 164 7.75 -7.39 8.30
C CYS A 164 7.94 -6.15 9.16
N TYR A 165 8.31 -5.05 8.53
CA TYR A 165 8.60 -3.77 9.19
C TYR A 165 7.46 -2.80 8.93
N TYR A 166 6.94 -2.20 10.02
CA TYR A 166 5.90 -1.17 10.02
C TYR A 166 6.56 0.20 10.20
N PRO A 167 6.74 0.98 9.13
CA PRO A 167 7.49 2.25 9.26
C PRO A 167 6.95 3.16 10.35
N GLU A 168 5.62 3.22 10.52
CA GLU A 168 5.08 4.22 11.41
C GLU A 168 4.90 3.71 12.83
N ARG A 169 5.24 2.46 13.08
CA ARG A 169 5.44 1.96 14.43
C ARG A 169 6.90 1.76 14.74
N ASN A 170 7.75 1.83 13.70
CA ASN A 170 9.17 1.54 13.79
C ASN A 170 9.43 0.19 14.48
N GLU A 171 8.78 -0.87 13.99
CA GLU A 171 8.94 -2.18 14.63
C GLU A 171 8.86 -3.30 13.59
N TRP A 172 9.59 -4.37 13.87
CA TRP A 172 9.57 -5.57 13.05
C TRP A 172 8.70 -6.61 13.72
N ARG A 173 7.97 -7.38 12.92
CA ARG A 173 7.13 -8.47 13.41
C ARG A 173 7.40 -9.67 12.54
N MET A 174 7.57 -10.84 13.14
CA MET A 174 7.72 -12.06 12.38
C MET A 174 6.43 -12.35 11.61
N ILE A 175 6.55 -12.89 10.40
CA ILE A 175 5.37 -13.38 9.67
C ILE A 175 5.50 -14.89 9.48
N THR A 176 4.57 -15.47 8.71
CA THR A 176 4.67 -16.89 8.37
C THR A 176 5.96 -17.17 7.62
N ALA A 177 6.65 -18.26 7.99
CA ALA A 177 7.90 -18.63 7.34
C ALA A 177 7.64 -19.22 5.95
N MET A 178 8.63 -19.07 5.07
CA MET A 178 8.56 -19.75 3.78
C MET A 178 8.55 -21.26 3.94
N ASN A 179 8.14 -21.93 2.86
CA ASN A 179 8.24 -23.39 2.82
C ASN A 179 9.71 -23.83 2.79
N THR A 180 10.60 -23.02 2.19
CA THR A 180 11.97 -23.46 1.90
C THR A 180 12.99 -22.50 2.45
N ILE A 181 14.04 -23.04 3.09
CA ILE A 181 15.16 -22.22 3.52
C ILE A 181 15.89 -21.70 2.29
N ARG A 182 16.18 -20.39 2.27
CA ARG A 182 16.77 -19.68 1.13
C ARG A 182 17.63 -18.53 1.62
N SER A 183 18.94 -18.54 1.31
CA SER A 183 19.74 -17.32 1.30
C SER A 183 20.07 -16.95 -0.15
N GLY A 184 20.14 -15.64 -0.44
CA GLY A 184 20.46 -15.21 -1.80
C GLY A 184 19.40 -15.57 -2.82
N ALA A 185 18.16 -15.63 -2.37
CA ALA A 185 17.07 -15.82 -3.29
C ALA A 185 16.73 -14.46 -3.93
N GLY A 186 16.00 -14.51 -5.04
CA GLY A 186 15.42 -13.26 -5.59
C GLY A 186 14.03 -13.04 -5.02
N VAL A 187 13.79 -11.81 -4.49
CA VAL A 187 12.55 -11.54 -3.80
C VAL A 187 11.99 -10.23 -4.37
N CYS A 188 10.73 -10.28 -4.76
CA CYS A 188 10.09 -9.12 -5.42
C CYS A 188 8.58 -9.15 -5.15
N VAL A 189 7.91 -8.05 -5.52
CA VAL A 189 6.45 -7.99 -5.43
C VAL A 189 5.89 -7.99 -6.85
N LEU A 190 4.90 -8.85 -7.07
CA LEU A 190 4.22 -8.89 -8.34
C LEU A 190 2.73 -9.01 -8.06
N HIS A 191 1.98 -8.15 -8.75
CA HIS A 191 0.57 -8.00 -8.51
C HIS A 191 0.42 -7.67 -7.03
N ASN A 192 -0.19 -8.52 -6.23
CA ASN A 192 -0.18 -8.19 -4.82
C ASN A 192 0.31 -9.37 -4.01
N CYS A 193 1.39 -9.99 -4.48
CA CYS A 193 2.03 -11.09 -3.75
C CYS A 193 3.54 -10.90 -3.72
N ILE A 194 4.16 -11.48 -2.69
CA ILE A 194 5.62 -11.45 -2.57
C ILE A 194 6.19 -12.75 -3.13
N TYR A 195 7.08 -12.66 -4.10
CA TYR A 195 7.68 -13.85 -4.68
C TYR A 195 9.11 -14.05 -4.16
N ALA A 196 9.46 -15.29 -3.94
CA ALA A 196 10.79 -15.70 -3.53
C ALA A 196 11.17 -16.83 -4.45
N ALA A 197 12.21 -16.61 -5.29
CA ALA A 197 12.64 -17.48 -6.37
C ALA A 197 14.08 -17.87 -6.09
N GLY A 198 14.37 -19.16 -6.15
CA GLY A 198 15.76 -19.63 -6.10
C GLY A 198 16.44 -19.40 -4.75
N GLY A 199 17.77 -19.23 -4.80
CA GLY A 199 18.50 -19.09 -3.55
C GLY A 199 19.25 -20.37 -3.23
N TYR A 200 19.72 -20.44 -2.00
CA TYR A 200 20.58 -21.54 -1.55
C TYR A 200 20.17 -21.99 -0.17
N ASP A 201 20.02 -23.30 0.05
CA ASP A 201 19.56 -23.75 1.37
C ASP A 201 20.68 -24.36 2.23
N GLY A 202 21.94 -24.18 1.84
CA GLY A 202 23.06 -24.80 2.53
C GLY A 202 23.49 -26.16 1.98
N GLN A 203 22.73 -26.73 1.03
CA GLN A 203 23.08 -27.99 0.37
C GLN A 203 22.96 -27.84 -1.13
N ASP A 204 21.86 -27.23 -1.61
CA ASP A 204 21.63 -27.11 -3.04
C ASP A 204 21.26 -25.68 -3.41
N GLN A 205 21.66 -25.28 -4.62
CA GLN A 205 21.02 -24.11 -5.24
C GLN A 205 19.64 -24.57 -5.66
N LEU A 206 18.68 -23.64 -5.66
CA LEU A 206 17.26 -23.93 -5.74
C LEU A 206 16.66 -23.40 -7.04
N ASN A 207 15.72 -24.15 -7.63
CA ASN A 207 14.91 -23.59 -8.70
C ASN A 207 13.47 -23.34 -8.26
N SER A 208 13.12 -23.66 -7.02
CA SER A 208 11.74 -23.46 -6.65
C SER A 208 11.41 -21.97 -6.41
N VAL A 209 10.12 -21.69 -6.55
CA VAL A 209 9.55 -20.37 -6.40
C VAL A 209 8.27 -20.47 -5.58
N GLU A 210 8.13 -19.61 -4.56
CA GLU A 210 6.92 -19.55 -3.77
C GLU A 210 6.51 -18.10 -3.56
N ARG A 211 5.23 -17.90 -3.28
CA ARG A 211 4.68 -16.56 -3.20
C ARG A 211 3.76 -16.41 -1.99
N TYR A 212 3.83 -15.24 -1.40
CA TYR A 212 3.16 -14.93 -0.15
C TYR A 212 1.94 -14.08 -0.45
N ASP A 213 0.79 -14.56 0.00
CA ASP A 213 -0.45 -13.79 0.01
C ASP A 213 -0.70 -13.25 1.43
N VAL A 214 -0.66 -11.92 1.55
CA VAL A 214 -0.80 -11.27 2.84
C VAL A 214 -2.20 -11.52 3.38
N ALA A 215 -3.19 -11.61 2.49
CA ALA A 215 -4.57 -11.83 2.92
C ALA A 215 -4.70 -13.13 3.71
N THR A 216 -4.03 -14.19 3.25
CA THR A 216 -4.07 -15.49 3.92
C THR A 216 -2.82 -15.77 4.75
N ALA A 217 -1.88 -14.83 4.80
CA ALA A 217 -0.58 -15.03 5.44
C ALA A 217 -0.02 -16.42 5.13
N THR A 218 -0.04 -16.81 3.84
CA THR A 218 0.48 -18.13 3.49
C THR A 218 1.39 -18.06 2.26
N TRP A 219 2.41 -18.92 2.24
CA TRP A 219 3.33 -19.11 1.12
C TRP A 219 2.89 -20.31 0.29
N THR A 220 2.79 -20.14 -1.03
CA THR A 220 2.42 -21.24 -1.91
C THR A 220 3.46 -21.38 -3.01
N PHE A 221 3.87 -22.62 -3.28
CA PHE A 221 4.86 -22.88 -4.33
C PHE A 221 4.20 -22.88 -5.71
N VAL A 222 4.72 -22.06 -6.62
CA VAL A 222 4.18 -21.96 -7.96
C VAL A 222 5.09 -22.63 -9.00
N ALA A 223 5.20 -22.02 -10.17
CA ALA A 223 6.04 -22.55 -11.23
C ALA A 223 7.51 -22.28 -10.95
N PRO A 224 8.30 -23.36 -10.81
CA PRO A 224 9.74 -23.25 -10.53
C PRO A 224 10.52 -22.81 -11.77
N MET A 225 11.69 -22.22 -11.56
CA MET A 225 12.52 -21.76 -12.67
C MET A 225 13.13 -22.94 -13.42
N LYS A 226 13.56 -22.66 -14.65
CA LYS A 226 14.25 -23.68 -15.43
C LYS A 226 15.60 -24.06 -14.80
N HIS A 227 16.33 -23.07 -14.26
CA HIS A 227 17.70 -23.21 -13.80
C HIS A 227 17.80 -22.85 -12.33
N ARG A 228 18.33 -23.80 -11.54
CA ARG A 228 18.64 -23.50 -10.14
C ARG A 228 19.65 -22.37 -10.04
N ARG A 229 19.49 -21.52 -9.03
CA ARG A 229 20.40 -20.37 -9.01
C ARG A 229 20.31 -19.69 -7.66
N SER A 230 21.46 -19.30 -7.15
CA SER A 230 21.59 -18.47 -5.99
C SER A 230 22.28 -17.16 -6.37
N ALA A 231 22.01 -16.11 -5.57
CA ALA A 231 22.57 -14.78 -5.83
C ALA A 231 22.15 -14.29 -7.21
N LEU A 232 20.91 -14.51 -7.56
CA LEU A 232 20.37 -14.04 -8.82
C LEU A 232 19.86 -12.63 -8.58
N GLY A 233 19.76 -11.84 -9.66
CA GLY A 233 19.02 -10.61 -9.59
C GLY A 233 17.59 -10.83 -10.05
N ILE A 234 16.66 -9.97 -9.63
CA ILE A 234 15.25 -10.15 -9.97
C ILE A 234 14.61 -8.78 -10.08
N THR A 235 13.64 -8.65 -10.98
CA THR A 235 12.88 -7.40 -11.04
C THR A 235 11.54 -7.69 -11.72
N VAL A 236 10.65 -6.70 -11.70
CA VAL A 236 9.37 -6.85 -12.35
C VAL A 236 9.33 -5.84 -13.48
N HIS A 237 8.98 -6.30 -14.68
CA HIS A 237 8.79 -5.39 -15.83
C HIS A 237 7.49 -5.76 -16.54
N GLN A 238 6.61 -4.79 -16.70
CA GLN A 238 5.32 -4.98 -17.39
C GLN A 238 4.59 -6.24 -16.93
N GLY A 239 4.38 -6.36 -15.62
CA GLY A 239 3.58 -7.47 -15.12
C GLY A 239 4.24 -8.84 -15.16
N ARG A 240 5.55 -8.93 -15.45
CA ARG A 240 6.23 -10.23 -15.45
C ARG A 240 7.51 -10.14 -14.61
N ILE A 241 7.92 -11.31 -14.05
CA ILE A 241 9.15 -11.36 -13.24
C ILE A 241 10.30 -11.74 -14.15
N TYR A 242 11.44 -11.08 -13.99
CA TYR A 242 12.66 -11.45 -14.71
C TYR A 242 13.72 -11.82 -13.68
N VAL A 243 14.36 -12.99 -13.83
CA VAL A 243 15.51 -13.35 -13.01
C VAL A 243 16.75 -13.38 -13.90
N LEU A 244 17.85 -12.84 -13.37
CA LEU A 244 19.08 -12.60 -14.10
C LEU A 244 20.24 -13.30 -13.40
N GLY A 245 20.89 -14.18 -14.11
CA GLY A 245 22.17 -14.75 -13.67
C GLY A 245 22.04 -15.49 -12.34
N GLY A 246 23.13 -15.43 -11.59
CA GLY A 246 23.22 -16.24 -10.39
C GLY A 246 24.29 -17.31 -10.54
N TYR A 247 24.26 -18.24 -9.61
CA TYR A 247 25.31 -19.22 -9.47
C TYR A 247 24.62 -20.54 -9.20
N ASP A 248 24.99 -21.58 -9.95
CA ASP A 248 24.28 -22.85 -9.80
C ASP A 248 25.18 -23.93 -9.17
N GLY A 249 26.23 -23.56 -8.44
CA GLY A 249 27.14 -24.53 -7.84
C GLY A 249 28.32 -24.90 -8.71
N HIS A 250 28.28 -24.56 -9.99
CA HIS A 250 29.34 -24.81 -10.97
C HIS A 250 29.65 -23.59 -11.81
N THR A 251 28.64 -22.84 -12.22
CA THR A 251 28.76 -21.82 -13.26
C THR A 251 28.13 -20.53 -12.78
N PHE A 252 28.73 -19.43 -13.19
CA PHE A 252 28.09 -18.12 -13.06
C PHE A 252 27.21 -17.94 -14.28
N LEU A 253 25.91 -17.90 -14.08
CA LEU A 253 24.95 -18.02 -15.17
C LEU A 253 24.80 -16.70 -15.95
N ASP A 254 24.58 -16.79 -17.26
CA ASP A 254 24.13 -15.60 -18.00
C ASP A 254 22.64 -15.67 -18.38
N SER A 255 21.98 -16.79 -18.05
CA SER A 255 20.57 -17.01 -18.34
C SER A 255 19.67 -15.94 -17.74
N VAL A 256 18.69 -15.48 -18.52
CA VAL A 256 17.63 -14.63 -17.99
C VAL A 256 16.31 -15.35 -18.21
N GLU A 257 15.59 -15.61 -17.13
CA GLU A 257 14.28 -16.25 -17.27
C GLU A 257 13.16 -15.26 -16.93
N CYS A 258 11.98 -15.52 -17.50
CA CYS A 258 10.85 -14.62 -17.36
C CYS A 258 9.63 -15.42 -16.91
N TYR A 259 8.94 -14.93 -15.87
CA TYR A 259 7.76 -15.59 -15.31
C TYR A 259 6.50 -14.84 -15.73
N ASP A 260 5.59 -15.58 -16.39
CA ASP A 260 4.27 -15.06 -16.74
C ASP A 260 3.27 -15.52 -15.68
N PRO A 261 2.78 -14.63 -14.80
CA PRO A 261 1.85 -15.08 -13.78
C PRO A 261 0.55 -15.60 -14.35
N ASP A 262 0.16 -15.20 -15.55
CA ASP A 262 -1.14 -15.63 -16.07
C ASP A 262 -1.10 -17.08 -16.51
N THR A 263 0.04 -17.56 -16.99
CA THR A 263 0.18 -18.95 -17.39
C THR A 263 0.91 -19.78 -16.34
N ASP A 264 1.39 -19.16 -15.26
CA ASP A 264 2.27 -19.82 -14.29
C ASP A 264 3.37 -20.59 -15.02
N THR A 265 4.10 -19.90 -15.89
CA THR A 265 5.19 -20.52 -16.63
C THR A 265 6.43 -19.62 -16.68
N TRP A 266 7.61 -20.28 -16.74
CA TRP A 266 8.90 -19.62 -16.91
C TRP A 266 9.40 -19.87 -18.32
N SER A 267 10.02 -18.86 -18.94
CA SER A 267 10.75 -19.11 -20.17
C SER A 267 12.06 -18.33 -20.15
N GLU A 268 13.06 -18.88 -20.83
CA GLU A 268 14.33 -18.19 -21.02
C GLU A 268 14.19 -17.20 -22.15
N VAL A 269 14.41 -15.91 -21.89
CA VAL A 269 14.17 -14.90 -22.90
C VAL A 269 15.46 -14.28 -23.46
N THR A 270 16.57 -14.32 -22.73
CA THR A 270 17.80 -13.73 -23.26
C THR A 270 18.98 -14.31 -22.48
N ARG A 271 20.17 -13.94 -22.89
CA ARG A 271 21.37 -14.16 -22.07
C ARG A 271 22.03 -12.81 -21.87
N MET A 272 22.51 -12.56 -20.64
CA MET A 272 23.41 -11.44 -20.42
C MET A 272 24.65 -11.59 -21.27
N THR A 273 25.31 -10.46 -21.51
CA THR A 273 26.54 -10.49 -22.29
C THR A 273 27.64 -11.33 -21.63
N SER A 274 27.54 -11.57 -20.31
CA SER A 274 28.50 -12.46 -19.63
C SER A 274 27.87 -12.93 -18.34
N GLY A 275 28.11 -14.19 -17.96
CA GLY A 275 27.53 -14.71 -16.74
C GLY A 275 28.07 -13.99 -15.50
N ARG A 276 27.21 -13.85 -14.50
CA ARG A 276 27.62 -13.18 -13.28
C ARG A 276 26.59 -13.48 -12.22
N SER A 277 27.00 -13.41 -10.94
CA SER A 277 26.07 -13.48 -9.83
C SER A 277 26.11 -12.18 -9.04
N GLY A 278 25.14 -12.03 -8.13
CA GLY A 278 25.24 -10.91 -7.19
C GLY A 278 25.00 -9.54 -7.80
N VAL A 279 24.18 -9.42 -8.84
CA VAL A 279 23.92 -8.11 -9.46
C VAL A 279 22.89 -7.33 -8.66
N GLY A 280 22.78 -6.02 -8.94
CA GLY A 280 21.65 -5.21 -8.54
C GLY A 280 20.84 -4.90 -9.79
N VAL A 281 19.52 -5.03 -9.69
CA VAL A 281 18.64 -4.99 -10.86
C VAL A 281 17.48 -4.06 -10.58
N ALA A 282 17.08 -3.26 -11.58
CA ALA A 282 15.87 -2.45 -11.37
C ALA A 282 15.43 -1.92 -12.73
N VAL A 283 14.23 -1.35 -12.79
CA VAL A 283 13.62 -0.98 -14.06
C VAL A 283 13.42 0.53 -14.08
N THR A 284 13.88 1.17 -15.15
CA THR A 284 13.49 2.61 -15.27
C THR A 284 13.52 3.04 -16.74
N MET A 285 13.16 4.32 -17.01
CA MET A 285 13.09 4.71 -18.41
C MET A 285 14.39 4.53 -19.15
N GLU A 286 14.26 4.37 -20.45
CA GLU A 286 15.39 4.21 -21.34
C GLU A 286 16.29 5.45 -21.37
N PRO A 287 17.59 5.30 -21.55
CA PRO A 287 18.47 6.48 -21.54
C PRO A 287 18.25 7.39 -22.74
N SER A 288 18.96 8.53 -22.72
CA SER A 288 18.96 9.46 -23.85
C SER A 288 20.22 9.19 -24.70
N ARG A 289 20.27 9.75 -25.91
CA ARG A 289 21.34 9.27 -26.83
C ARG A 289 22.33 10.37 -27.21
N ARG B 1 -2.48 17.76 -4.00
CA ARG B 1 -3.69 16.98 -3.75
C ARG B 1 -4.48 17.57 -2.60
N LEU B 2 -5.81 17.55 -2.72
CA LEU B 2 -6.72 18.17 -1.78
C LEU B 2 -7.74 17.15 -1.25
N ILE B 3 -8.31 17.49 -0.09
CA ILE B 3 -9.41 16.74 0.52
C ILE B 3 -10.72 17.43 0.13
N TYR B 4 -11.52 16.77 -0.72
CA TYR B 4 -12.82 17.27 -1.14
C TYR B 4 -13.88 16.73 -0.18
N THR B 5 -14.73 17.64 0.30
CA THR B 5 -15.91 17.31 1.08
C THR B 5 -17.15 17.72 0.28
N ALA B 6 -18.07 16.78 0.16
CA ALA B 6 -19.27 16.94 -0.66
C ALA B 6 -20.50 16.67 0.20
N GLY B 7 -21.53 17.55 0.05
CA GLY B 7 -22.77 17.33 0.73
C GLY B 7 -22.73 17.62 2.23
N GLY B 8 -23.64 16.98 2.95
CA GLY B 8 -23.73 17.18 4.38
C GLY B 8 -25.09 17.75 4.77
N TYR B 9 -25.23 18.03 6.05
CA TYR B 9 -26.50 18.46 6.59
C TYR B 9 -26.29 19.53 7.64
N PHE B 10 -27.07 20.60 7.52
CA PHE B 10 -27.22 21.58 8.60
C PHE B 10 -28.56 22.25 8.33
N ARG B 11 -29.58 21.87 9.11
CA ARG B 11 -30.94 22.33 8.87
C ARG B 11 -31.56 21.70 7.60
N GLN B 12 -30.79 21.45 6.55
CA GLN B 12 -31.23 20.68 5.39
C GLN B 12 -30.03 20.05 4.71
N SER B 13 -30.27 19.13 3.80
CA SER B 13 -29.17 18.57 3.06
C SER B 13 -28.52 19.66 2.21
N LEU B 14 -27.22 19.50 1.93
CA LEU B 14 -26.40 20.57 1.37
C LEU B 14 -25.82 20.16 0.02
N SER B 15 -25.51 21.17 -0.80
CA SER B 15 -24.89 20.95 -2.10
C SER B 15 -23.41 21.34 -2.13
N TYR B 16 -22.84 21.76 -1.01
CA TYR B 16 -21.47 22.25 -1.00
C TYR B 16 -20.49 21.19 -1.49
N LEU B 17 -19.62 21.61 -2.39
CA LEU B 17 -18.38 20.90 -2.70
C LEU B 17 -17.24 21.85 -2.35
N GLU B 18 -16.44 21.48 -1.36
CA GLU B 18 -15.35 22.31 -0.87
C GLU B 18 -14.08 21.46 -0.79
N ALA B 19 -12.92 22.09 -1.01
CA ALA B 19 -11.66 21.37 -1.06
C ALA B 19 -10.68 22.01 -0.10
N TYR B 20 -10.09 21.22 0.79
CA TYR B 20 -9.13 21.67 1.78
C TYR B 20 -7.72 21.27 1.35
N ASN B 21 -6.79 22.24 1.45
CA ASN B 21 -5.37 22.06 1.16
C ASN B 21 -4.62 22.00 2.49
N PRO B 22 -4.22 20.83 2.96
CA PRO B 22 -3.59 20.73 4.29
C PRO B 22 -2.30 21.52 4.43
N SER B 23 -1.65 21.85 3.31
CA SER B 23 -0.40 22.61 3.37
C SER B 23 -0.63 24.00 3.96
N ASP B 24 -1.40 24.84 3.27
CA ASP B 24 -1.55 26.25 3.62
C ASP B 24 -2.85 26.58 4.36
N GLY B 25 -3.68 25.58 4.68
CA GLY B 25 -4.87 25.88 5.46
C GLY B 25 -5.99 26.55 4.71
N THR B 26 -5.88 26.67 3.39
CA THR B 26 -6.88 27.34 2.57
C THR B 26 -8.06 26.41 2.29
N TRP B 27 -9.26 27.01 2.19
CA TRP B 27 -10.47 26.34 1.74
C TRP B 27 -10.91 26.89 0.37
N LEU B 28 -11.04 26.00 -0.61
CA LEU B 28 -11.54 26.34 -1.94
C LEU B 28 -13.00 25.94 -2.07
N ARG B 29 -13.82 26.83 -2.62
CA ARG B 29 -15.23 26.55 -2.91
C ARG B 29 -15.39 26.18 -4.40
N LEU B 30 -15.99 25.03 -4.66
CA LEU B 30 -16.08 24.49 -6.01
C LEU B 30 -17.55 24.36 -6.42
N ALA B 31 -17.78 23.69 -7.56
CA ALA B 31 -19.11 23.59 -8.11
C ALA B 31 -20.06 22.82 -7.18
N ASP B 32 -21.24 23.41 -6.95
CA ASP B 32 -22.29 22.79 -6.15
C ASP B 32 -22.70 21.44 -6.72
N LEU B 33 -22.99 20.49 -5.83
CA LEU B 33 -23.72 19.30 -6.23
C LEU B 33 -24.97 19.68 -7.00
N GLN B 34 -25.35 18.81 -7.94
CA GLN B 34 -26.54 19.00 -8.73
C GLN B 34 -27.79 18.85 -7.86
N VAL B 35 -27.77 17.88 -6.93
CA VAL B 35 -28.85 17.65 -5.96
C VAL B 35 -28.23 17.66 -4.57
N PRO B 36 -28.80 18.39 -3.61
CA PRO B 36 -28.27 18.34 -2.24
C PRO B 36 -28.34 16.91 -1.67
N ARG B 37 -27.36 16.54 -0.88
CA ARG B 37 -27.45 15.21 -0.25
C ARG B 37 -26.61 15.16 1.03
N SER B 38 -27.12 14.44 2.03
CA SER B 38 -26.39 14.12 3.26
C SER B 38 -26.48 12.61 3.46
N GLY B 39 -25.59 12.08 4.32
CA GLY B 39 -25.56 10.63 4.40
C GLY B 39 -24.97 9.95 3.19
N LEU B 40 -24.25 10.68 2.34
CA LEU B 40 -23.66 10.06 1.16
C LEU B 40 -22.24 9.61 1.48
N ALA B 41 -21.58 8.97 0.52
CA ALA B 41 -20.17 8.69 0.67
C ALA B 41 -19.43 9.24 -0.54
N GLY B 42 -18.15 9.53 -0.34
CA GLY B 42 -17.28 10.00 -1.40
C GLY B 42 -16.14 9.03 -1.63
N CYS B 43 -15.64 9.00 -2.87
CA CYS B 43 -14.47 8.21 -3.23
C CYS B 43 -13.83 8.84 -4.48
N VAL B 44 -12.66 8.30 -4.86
CA VAL B 44 -11.94 8.76 -6.05
C VAL B 44 -11.59 7.55 -6.90
N VAL B 45 -11.92 7.61 -8.18
CA VAL B 45 -11.50 6.62 -9.17
C VAL B 45 -11.02 7.36 -10.41
N GLY B 46 -9.90 6.91 -10.96
CA GLY B 46 -9.21 7.76 -11.92
C GLY B 46 -8.73 8.98 -11.16
N GLY B 47 -9.06 10.15 -11.67
CA GLY B 47 -8.84 11.35 -10.89
C GLY B 47 -10.18 11.97 -10.57
N LEU B 48 -11.23 11.16 -10.70
CA LEU B 48 -12.61 11.63 -10.63
C LEU B 48 -13.19 11.36 -9.24
N LEU B 49 -13.88 12.37 -8.71
CA LEU B 49 -14.52 12.29 -7.38
C LEU B 49 -15.94 11.80 -7.55
N TYR B 50 -16.33 10.78 -6.81
CA TYR B 50 -17.66 10.23 -6.89
C TYR B 50 -18.42 10.49 -5.60
N ALA B 51 -19.68 10.92 -5.77
CA ALA B 51 -20.69 11.10 -4.71
C ALA B 51 -21.71 9.99 -4.88
N VAL B 52 -21.92 9.20 -3.81
CA VAL B 52 -22.69 7.97 -3.85
C VAL B 52 -23.77 8.00 -2.77
N GLY B 53 -25.01 7.73 -3.16
CA GLY B 53 -26.11 7.52 -2.23
C GLY B 53 -26.45 8.79 -1.45
N GLY B 54 -27.00 8.58 -0.26
CA GLY B 54 -27.38 9.66 0.63
C GLY B 54 -28.86 9.95 0.48
N ARG B 55 -29.25 11.17 0.84
CA ARG B 55 -30.66 11.57 0.71
C ARG B 55 -30.75 13.09 0.71
N ASN B 56 -31.84 13.63 0.09
CA ASN B 56 -32.07 15.07 0.11
C ASN B 56 -33.19 15.35 1.12
N ASN B 57 -32.77 15.76 2.31
CA ASN B 57 -33.65 16.05 3.44
C ASN B 57 -33.85 17.55 3.43
N SER B 58 -35.02 17.99 2.99
CA SER B 58 -35.32 19.40 2.81
C SER B 58 -36.70 19.77 3.36
N PRO B 59 -36.98 21.06 3.45
CA PRO B 59 -38.31 21.47 3.92
C PRO B 59 -39.45 20.88 3.09
N ASP B 60 -39.16 20.42 1.87
CA ASP B 60 -40.18 19.93 0.95
C ASP B 60 -40.09 18.44 0.68
N GLY B 61 -39.20 17.71 1.37
CA GLY B 61 -39.11 16.31 1.01
C GLY B 61 -37.97 15.62 1.76
N ASN B 62 -37.85 14.30 1.51
CA ASN B 62 -36.79 13.58 2.22
C ASN B 62 -36.44 12.38 1.36
N THR B 63 -35.78 12.60 0.24
CA THR B 63 -35.72 11.56 -0.79
C THR B 63 -34.39 10.83 -0.69
N ASP B 64 -34.44 9.52 -0.41
CA ASP B 64 -33.23 8.72 -0.43
C ASP B 64 -32.65 8.68 -1.83
N SER B 65 -31.33 8.62 -1.94
CA SER B 65 -30.75 8.79 -3.25
C SER B 65 -30.12 7.48 -3.71
N SER B 66 -30.50 7.04 -4.91
CA SER B 66 -29.77 5.96 -5.57
C SER B 66 -28.73 6.52 -6.52
N ALA B 67 -28.47 7.81 -6.47
CA ALA B 67 -27.68 8.50 -7.49
C ALA B 67 -26.18 8.24 -7.34
N LEU B 68 -25.50 8.22 -8.48
CA LEU B 68 -24.04 8.28 -8.54
C LEU B 68 -23.63 9.49 -9.38
N ASP B 69 -22.79 10.35 -8.83
CA ASP B 69 -22.36 11.52 -9.58
C ASP B 69 -20.84 11.66 -9.54
N CYS B 70 -20.31 12.18 -10.63
CA CYS B 70 -18.88 12.22 -10.92
C CYS B 70 -18.43 13.65 -11.14
N TYR B 71 -17.43 14.08 -10.40
CA TYR B 71 -16.87 15.42 -10.47
C TYR B 71 -15.46 15.33 -11.04
N ASN B 72 -15.19 16.16 -12.07
CA ASN B 72 -13.89 16.18 -12.72
C ASN B 72 -13.11 17.42 -12.27
N PRO B 73 -12.03 17.27 -11.49
CA PRO B 73 -11.37 18.46 -10.92
C PRO B 73 -10.75 19.39 -11.94
N MET B 74 -10.56 18.93 -13.19
CA MET B 74 -9.99 19.80 -14.23
C MET B 74 -11.06 20.60 -14.97
N THR B 75 -12.30 20.12 -14.98
CA THR B 75 -13.41 20.83 -15.60
C THR B 75 -14.27 21.60 -14.59
N ASN B 76 -14.15 21.29 -13.30
CA ASN B 76 -15.10 21.76 -12.28
C ASN B 76 -16.54 21.49 -12.70
N GLN B 77 -16.79 20.26 -13.16
CA GLN B 77 -18.12 19.85 -13.61
C GLN B 77 -18.53 18.52 -12.99
N TRP B 78 -19.83 18.45 -12.61
CA TRP B 78 -20.49 17.23 -12.19
C TRP B 78 -21.19 16.60 -13.38
N SER B 79 -21.22 15.27 -13.42
CA SER B 79 -21.89 14.53 -14.46
C SER B 79 -22.61 13.36 -13.80
N PRO B 80 -23.86 13.09 -14.16
CA PRO B 80 -24.52 11.90 -13.60
C PRO B 80 -23.96 10.63 -14.22
N CYS B 81 -23.98 9.55 -13.44
CA CYS B 81 -23.68 8.21 -13.91
C CYS B 81 -24.88 7.32 -13.61
N ALA B 82 -24.82 6.07 -14.02
CA ALA B 82 -25.95 5.19 -13.79
C ALA B 82 -26.28 5.09 -12.31
N PRO B 83 -27.56 4.94 -11.96
CA PRO B 83 -27.95 4.82 -10.55
C PRO B 83 -27.84 3.38 -10.06
N MET B 84 -27.71 3.27 -8.73
CA MET B 84 -27.69 1.99 -8.06
C MET B 84 -29.05 1.30 -8.18
N SER B 85 -29.09 0.02 -7.81
CA SER B 85 -30.34 -0.73 -7.86
C SER B 85 -31.34 -0.24 -6.82
N VAL B 86 -30.88 0.40 -5.76
CA VAL B 86 -31.76 0.89 -4.71
C VAL B 86 -31.18 2.18 -4.16
N PRO B 87 -31.99 3.06 -3.59
CA PRO B 87 -31.43 4.22 -2.87
C PRO B 87 -30.74 3.75 -1.60
N ARG B 88 -29.67 4.45 -1.21
CA ARG B 88 -28.88 4.05 -0.04
C ARG B 88 -28.51 5.32 0.75
N ASN B 89 -29.37 5.69 1.73
CA ASN B 89 -29.00 6.74 2.66
C ASN B 89 -28.06 6.17 3.73
N ARG B 90 -27.09 6.96 4.18
CA ARG B 90 -26.11 6.48 5.21
C ARG B 90 -25.37 5.25 4.71
N ILE B 91 -24.90 5.38 3.47
CA ILE B 91 -24.19 4.35 2.72
C ILE B 91 -22.72 4.32 3.13
N GLY B 92 -22.07 3.18 2.85
CA GLY B 92 -20.63 3.12 2.84
C GLY B 92 -20.10 2.69 1.48
N VAL B 93 -18.90 3.11 1.15
CA VAL B 93 -18.33 2.75 -0.14
C VAL B 93 -16.86 2.43 -0.01
N GLY B 94 -16.38 1.57 -0.90
CA GLY B 94 -14.96 1.35 -1.01
C GLY B 94 -14.57 1.01 -2.43
N VAL B 95 -13.28 1.18 -2.74
CA VAL B 95 -12.78 1.02 -4.11
C VAL B 95 -11.84 -0.18 -4.19
N ILE B 96 -12.15 -1.12 -5.10
CA ILE B 96 -11.34 -2.30 -5.38
C ILE B 96 -11.28 -2.52 -6.89
N ASP B 97 -10.05 -2.58 -7.43
CA ASP B 97 -9.84 -2.91 -8.85
C ASP B 97 -10.43 -1.84 -9.76
N GLY B 98 -10.39 -0.57 -9.29
CA GLY B 98 -11.06 0.48 -10.03
C GLY B 98 -12.58 0.39 -10.06
N HIS B 99 -13.18 -0.44 -9.21
CA HIS B 99 -14.63 -0.58 -9.13
C HIS B 99 -15.14 -0.06 -7.79
N ILE B 100 -16.36 0.48 -7.82
CA ILE B 100 -16.99 1.12 -6.65
C ILE B 100 -17.92 0.11 -6.00
N TYR B 101 -17.67 -0.20 -4.72
CA TYR B 101 -18.57 -1.03 -3.93
C TYR B 101 -19.44 -0.10 -3.09
N ALA B 102 -20.75 -0.27 -3.23
CA ALA B 102 -21.75 0.41 -2.43
C ALA B 102 -22.32 -0.58 -1.44
N VAL B 103 -22.33 -0.20 -0.18
CA VAL B 103 -22.56 -1.09 0.95
C VAL B 103 -23.68 -0.55 1.81
N GLY B 104 -24.71 -1.37 2.00
CA GLY B 104 -25.67 -1.13 3.05
C GLY B 104 -26.46 0.14 2.83
N GLY B 105 -26.72 0.84 3.90
CA GLY B 105 -27.51 2.07 3.76
C GLY B 105 -28.99 1.75 3.90
N SER B 106 -29.83 2.81 3.89
CA SER B 106 -31.26 2.65 4.11
C SER B 106 -32.05 3.25 2.95
N HIS B 107 -33.25 2.68 2.75
CA HIS B 107 -34.28 3.24 1.89
C HIS B 107 -35.56 3.18 2.69
N GLY B 108 -36.00 4.32 3.19
CA GLY B 108 -37.13 4.31 4.11
C GLY B 108 -36.82 3.49 5.35
N CYS B 109 -37.71 2.55 5.69
CA CYS B 109 -37.52 1.66 6.83
CA CYS B 109 -37.53 1.65 6.83
C CYS B 109 -36.71 0.42 6.49
N ILE B 110 -36.21 0.32 5.27
CA ILE B 110 -35.43 -0.85 4.86
C ILE B 110 -33.96 -0.59 5.13
N HIS B 111 -33.34 -1.48 5.88
CA HIS B 111 -31.93 -1.41 6.16
C HIS B 111 -31.28 -2.50 5.32
N HIS B 112 -30.50 -2.09 4.30
CA HIS B 112 -29.99 -3.03 3.33
C HIS B 112 -28.88 -3.87 3.95
N ASN B 113 -28.88 -5.16 3.65
CA ASN B 113 -27.65 -5.91 3.72
C ASN B 113 -27.05 -6.07 2.34
N SER B 114 -27.76 -5.59 1.31
CA SER B 114 -27.29 -5.76 -0.06
C SER B 114 -26.07 -4.89 -0.33
N VAL B 115 -25.32 -5.32 -1.36
CA VAL B 115 -24.09 -4.66 -1.81
C VAL B 115 -24.03 -4.74 -3.33
N GLU B 116 -23.55 -3.67 -3.96
CA GLU B 116 -23.46 -3.69 -5.43
C GLU B 116 -22.20 -2.98 -5.90
N ARG B 117 -21.79 -3.33 -7.13
CA ARG B 117 -20.50 -2.96 -7.68
C ARG B 117 -20.70 -2.20 -9.00
N TYR B 118 -20.03 -1.07 -9.11
CA TYR B 118 -20.09 -0.19 -10.27
C TYR B 118 -18.76 -0.24 -11.02
N GLU B 119 -18.85 -0.37 -12.35
CA GLU B 119 -17.71 -0.40 -13.26
C GLU B 119 -17.63 0.93 -14.01
N PRO B 120 -16.67 1.81 -13.72
CA PRO B 120 -16.71 3.15 -14.34
C PRO B 120 -16.65 3.13 -15.85
N GLU B 121 -15.91 2.20 -16.45
CA GLU B 121 -15.76 2.17 -17.90
C GLU B 121 -16.91 1.46 -18.59
N ARG B 122 -17.80 0.82 -17.85
CA ARG B 122 -19.06 0.37 -18.42
C ARG B 122 -20.27 1.14 -17.91
N ASP B 123 -20.10 2.07 -16.96
CA ASP B 123 -21.21 2.78 -16.34
C ASP B 123 -22.33 1.80 -15.98
N GLU B 124 -21.99 0.82 -15.13
CA GLU B 124 -22.92 -0.25 -14.84
C GLU B 124 -22.83 -0.68 -13.38
N TRP B 125 -23.96 -1.07 -12.80
CA TRP B 125 -24.05 -1.63 -11.46
C TRP B 125 -24.45 -3.09 -11.54
N HIS B 126 -23.86 -3.91 -10.67
CA HIS B 126 -24.26 -5.31 -10.55
C HIS B 126 -24.24 -5.73 -9.10
N LEU B 127 -25.23 -6.52 -8.71
CA LEU B 127 -25.33 -6.98 -7.33
C LEU B 127 -24.31 -8.07 -7.03
N VAL B 128 -23.77 -8.04 -5.82
CA VAL B 128 -22.88 -9.08 -5.32
C VAL B 128 -23.53 -9.71 -4.11
N ALA B 129 -22.81 -10.58 -3.40
CA ALA B 129 -23.40 -11.23 -2.25
C ALA B 129 -23.76 -10.21 -1.17
N PRO B 130 -24.88 -10.40 -0.48
CA PRO B 130 -25.23 -9.50 0.63
C PRO B 130 -24.36 -9.76 1.87
N MET B 131 -24.19 -8.70 2.66
CA MET B 131 -23.49 -8.86 3.93
C MET B 131 -24.30 -9.83 4.80
N LEU B 132 -23.62 -10.36 5.80
CA LEU B 132 -24.26 -11.17 6.82
C LEU B 132 -25.19 -10.34 7.69
N THR B 133 -25.06 -9.01 7.62
CA THR B 133 -25.67 -8.07 8.54
C THR B 133 -26.23 -6.92 7.71
N ARG B 134 -27.43 -6.50 8.05
CA ARG B 134 -27.94 -5.25 7.50
C ARG B 134 -27.22 -4.10 8.19
N ARG B 135 -26.67 -3.15 7.43
CA ARG B 135 -25.86 -2.07 8.03
C ARG B 135 -26.11 -0.70 7.36
N ILE B 136 -26.57 0.25 8.14
CA ILE B 136 -26.59 1.66 7.74
C ILE B 136 -25.69 2.44 8.71
N GLY B 137 -25.25 3.63 8.28
CA GLY B 137 -24.21 4.32 9.03
C GLY B 137 -22.97 3.44 9.17
N VAL B 138 -22.72 2.62 8.15
CA VAL B 138 -21.64 1.61 8.13
C VAL B 138 -20.34 2.26 7.65
N GLY B 139 -19.22 1.93 8.28
CA GLY B 139 -17.91 2.39 7.82
C GLY B 139 -17.27 1.36 6.90
N VAL B 140 -16.58 1.81 5.88
CA VAL B 140 -16.09 0.89 4.87
C VAL B 140 -14.63 1.22 4.59
N ALA B 141 -13.81 0.17 4.45
CA ALA B 141 -12.40 0.36 4.10
C ALA B 141 -11.92 -0.83 3.28
N VAL B 142 -10.85 -0.61 2.52
CA VAL B 142 -10.29 -1.63 1.65
C VAL B 142 -8.86 -1.83 2.09
N LEU B 143 -8.48 -3.10 2.32
CA LEU B 143 -7.14 -3.45 2.76
C LEU B 143 -6.74 -4.77 2.11
N ASN B 144 -5.58 -4.77 1.45
CA ASN B 144 -5.07 -5.94 0.73
C ASN B 144 -6.12 -6.46 -0.25
N ARG B 145 -6.79 -5.51 -0.92
CA ARG B 145 -7.80 -5.83 -1.93
C ARG B 145 -8.96 -6.65 -1.35
N LEU B 146 -9.21 -6.50 -0.04
CA LEU B 146 -10.40 -7.05 0.59
C LEU B 146 -11.23 -5.91 1.15
N LEU B 147 -12.55 -6.09 1.18
CA LEU B 147 -13.41 -4.96 1.56
C LEU B 147 -14.06 -5.17 2.93
N TYR B 148 -13.85 -4.24 3.84
CA TYR B 148 -14.34 -4.33 5.21
C TYR B 148 -15.55 -3.41 5.44
N ALA B 149 -16.61 -3.99 6.01
CA ALA B 149 -17.81 -3.29 6.50
C ALA B 149 -17.81 -3.32 8.01
N VAL B 150 -17.84 -2.13 8.63
CA VAL B 150 -17.47 -1.91 10.02
C VAL B 150 -18.59 -1.15 10.73
N GLY B 151 -19.14 -1.75 11.79
CA GLY B 151 -20.10 -1.14 12.66
C GLY B 151 -21.39 -0.84 11.91
N GLY B 152 -22.08 0.20 12.35
CA GLY B 152 -23.34 0.56 11.71
C GLY B 152 -24.54 0.25 12.59
N PHE B 153 -25.70 0.20 11.92
CA PHE B 153 -26.99 0.01 12.58
C PHE B 153 -27.85 -0.92 11.75
N ASP B 154 -28.45 -1.95 12.36
CA ASP B 154 -29.20 -2.91 11.56
C ASP B 154 -30.69 -2.63 11.55
N GLY B 155 -31.14 -1.48 12.08
CA GLY B 155 -32.54 -1.18 12.30
C GLY B 155 -32.98 -1.37 13.74
N THR B 156 -32.27 -2.21 14.51
CA THR B 156 -32.63 -2.41 15.90
C THR B 156 -31.40 -2.27 16.80
N ASN B 157 -30.27 -2.91 16.42
CA ASN B 157 -29.04 -2.86 17.20
C ASN B 157 -27.95 -2.05 16.50
N ARG B 158 -27.23 -1.23 17.25
CA ARG B 158 -26.02 -0.66 16.72
C ARG B 158 -24.92 -1.70 16.94
N LEU B 159 -23.89 -1.65 16.08
CA LEU B 159 -23.02 -2.80 15.85
C LEU B 159 -21.58 -2.48 16.21
N ASN B 160 -20.91 -3.48 16.84
CA ASN B 160 -19.46 -3.46 16.90
C ASN B 160 -18.84 -4.49 15.96
N SER B 161 -19.64 -5.29 15.29
CA SER B 161 -19.10 -6.29 14.40
C SER B 161 -18.53 -5.64 13.13
N ALA B 162 -17.62 -6.36 12.52
CA ALA B 162 -17.05 -6.05 11.23
C ALA B 162 -17.02 -7.34 10.46
N GLU B 163 -17.16 -7.20 9.14
CA GLU B 163 -17.16 -8.32 8.22
C GLU B 163 -16.35 -7.95 6.98
N CYS B 164 -15.87 -8.99 6.30
CA CYS B 164 -14.89 -8.82 5.24
C CYS B 164 -15.39 -9.53 4.00
N TYR B 165 -15.30 -8.85 2.85
CA TYR B 165 -15.76 -9.33 1.56
C TYR B 165 -14.55 -9.78 0.78
N TYR B 166 -14.63 -11.02 0.27
CA TYR B 166 -13.60 -11.65 -0.56
C TYR B 166 -14.04 -11.63 -2.02
N PRO B 167 -13.51 -10.72 -2.84
CA PRO B 167 -14.03 -10.58 -4.21
C PRO B 167 -14.00 -11.87 -5.00
N GLU B 168 -12.98 -12.71 -4.84
CA GLU B 168 -12.86 -13.87 -5.72
C GLU B 168 -13.62 -15.07 -5.20
N ARG B 169 -14.25 -14.97 -4.04
CA ARG B 169 -15.21 -15.98 -3.60
C ARG B 169 -16.65 -15.46 -3.54
N ASN B 170 -16.86 -14.16 -3.68
CA ASN B 170 -18.19 -13.55 -3.52
C ASN B 170 -18.79 -14.00 -2.20
N GLU B 171 -18.05 -13.74 -1.13
CA GLU B 171 -18.38 -14.24 0.19
C GLU B 171 -18.02 -13.22 1.26
N TRP B 172 -18.89 -13.16 2.27
CA TRP B 172 -18.63 -12.36 3.46
C TRP B 172 -18.28 -13.27 4.63
N ARG B 173 -17.31 -12.84 5.42
CA ARG B 173 -16.99 -13.52 6.66
C ARG B 173 -16.79 -12.51 7.79
N MET B 174 -17.40 -12.83 8.92
CA MET B 174 -17.23 -12.03 10.12
C MET B 174 -15.77 -12.04 10.56
N ILE B 175 -15.29 -10.90 11.10
CA ILE B 175 -13.95 -10.87 11.71
C ILE B 175 -14.11 -10.56 13.20
N THR B 176 -13.01 -10.25 13.88
CA THR B 176 -13.10 -9.81 15.26
C THR B 176 -13.91 -8.50 15.34
N ALA B 177 -14.84 -8.43 16.29
CA ALA B 177 -15.62 -7.23 16.52
C ALA B 177 -14.76 -6.16 17.18
N MET B 178 -15.11 -4.89 16.92
CA MET B 178 -14.47 -3.79 17.64
C MET B 178 -14.71 -3.91 19.15
N ASN B 179 -13.88 -3.20 19.90
CA ASN B 179 -14.14 -3.08 21.33
C ASN B 179 -15.37 -2.24 21.63
N THR B 180 -15.77 -1.35 20.72
CA THR B 180 -16.84 -0.39 20.96
C THR B 180 -17.89 -0.49 19.87
N ILE B 181 -19.16 -0.43 20.28
CA ILE B 181 -20.25 -0.33 19.31
C ILE B 181 -20.21 1.04 18.66
N ARG B 182 -20.30 1.07 17.32
CA ARG B 182 -20.22 2.36 16.60
C ARG B 182 -21.12 2.33 15.38
N SER B 183 -22.10 3.21 15.35
CA SER B 183 -22.81 3.58 14.14
C SER B 183 -22.40 4.99 13.76
N GLY B 184 -22.32 5.26 12.46
CA GLY B 184 -21.96 6.60 12.03
C GLY B 184 -20.56 7.00 12.44
N ALA B 185 -19.62 6.03 12.49
CA ALA B 185 -18.21 6.32 12.73
C ALA B 185 -17.53 6.75 11.43
N GLY B 186 -16.34 7.36 11.56
CA GLY B 186 -15.47 7.53 10.42
C GLY B 186 -14.54 6.35 10.35
N VAL B 187 -14.50 5.68 9.20
CA VAL B 187 -13.69 4.47 9.05
C VAL B 187 -12.83 4.58 7.78
N CYS B 188 -11.53 4.29 7.93
CA CYS B 188 -10.58 4.39 6.81
C CYS B 188 -9.41 3.43 7.05
N VAL B 189 -8.59 3.25 6.03
CA VAL B 189 -7.37 2.48 6.15
C VAL B 189 -6.21 3.47 6.16
N LEU B 190 -5.33 3.31 7.15
CA LEU B 190 -4.12 4.09 7.29
C LEU B 190 -2.97 3.14 7.59
N HIS B 191 -1.87 3.29 6.87
CA HIS B 191 -0.75 2.34 6.89
C HIS B 191 -1.33 0.98 6.51
N ASN B 192 -1.29 -0.02 7.40
CA ASN B 192 -2.00 -1.27 7.14
C ASN B 192 -2.84 -1.64 8.34
N CYS B 193 -3.55 -0.64 8.84
CA CYS B 193 -4.53 -0.81 9.89
C CYS B 193 -5.84 -0.17 9.45
N ILE B 194 -6.94 -0.72 9.96
CA ILE B 194 -8.26 -0.12 9.75
C ILE B 194 -8.58 0.71 10.97
N TYR B 195 -8.82 1.99 10.77
CA TYR B 195 -9.18 2.85 11.87
C TYR B 195 -10.68 3.08 11.85
N ALA B 196 -11.25 3.11 13.06
CA ALA B 196 -12.65 3.44 13.30
C ALA B 196 -12.65 4.50 14.40
N ALA B 197 -13.17 5.68 14.08
CA ALA B 197 -13.14 6.85 14.94
C ALA B 197 -14.55 7.35 15.24
N GLY B 198 -14.84 7.57 16.52
CA GLY B 198 -16.09 8.18 16.88
C GLY B 198 -17.26 7.25 16.59
N GLY B 199 -18.39 7.88 16.26
CA GLY B 199 -19.65 7.19 16.07
C GLY B 199 -20.54 7.37 17.27
N TYR B 200 -21.62 6.59 17.27
CA TYR B 200 -22.67 6.65 18.28
C TYR B 200 -23.02 5.24 18.67
N ASP B 201 -23.11 4.97 19.98
CA ASP B 201 -23.36 3.60 20.45
C ASP B 201 -24.80 3.38 20.89
N GLY B 202 -25.71 4.27 20.57
CA GLY B 202 -27.06 4.18 21.07
C GLY B 202 -27.30 4.97 22.34
N GLN B 203 -26.24 5.54 22.93
CA GLN B 203 -26.38 6.41 24.10
C GLN B 203 -25.57 7.70 23.97
N ASP B 204 -24.31 7.59 23.54
CA ASP B 204 -23.42 8.75 23.49
C ASP B 204 -22.68 8.75 22.17
N GLN B 205 -22.40 9.95 21.66
CA GLN B 205 -21.37 10.06 20.66
C GLN B 205 -20.02 9.75 21.28
N LEU B 206 -19.10 9.26 20.46
CA LEU B 206 -17.80 8.76 20.91
C LEU B 206 -16.66 9.64 20.41
N ASN B 207 -15.64 9.83 21.27
CA ASN B 207 -14.39 10.41 20.80
C ASN B 207 -13.27 9.37 20.71
N SER B 208 -13.52 8.12 21.12
CA SER B 208 -12.49 7.09 21.08
C SER B 208 -12.23 6.63 19.65
N VAL B 209 -11.04 6.08 19.46
CA VAL B 209 -10.57 5.60 18.16
C VAL B 209 -9.86 4.28 18.37
N GLU B 210 -10.16 3.29 17.52
CA GLU B 210 -9.42 2.04 17.63
C GLU B 210 -9.03 1.57 16.24
N ARG B 211 -8.02 0.72 16.17
CA ARG B 211 -7.49 0.28 14.89
C ARG B 211 -7.32 -1.23 14.88
N TYR B 212 -7.56 -1.79 13.71
CA TYR B 212 -7.56 -3.22 13.49
C TYR B 212 -6.25 -3.59 12.80
N ASP B 213 -5.50 -4.47 13.44
CA ASP B 213 -4.26 -5.02 12.88
C ASP B 213 -4.58 -6.41 12.36
N VAL B 214 -4.50 -6.60 11.04
CA VAL B 214 -5.01 -7.83 10.47
C VAL B 214 -4.14 -9.03 10.85
N ALA B 215 -2.82 -8.85 10.92
CA ALA B 215 -1.93 -9.98 11.20
C ALA B 215 -2.27 -10.66 12.52
N THR B 216 -2.59 -9.87 13.56
CA THR B 216 -2.97 -10.39 14.87
C THR B 216 -4.49 -10.44 15.06
N ALA B 217 -5.26 -10.06 14.04
CA ALA B 217 -6.71 -9.92 14.12
C ALA B 217 -7.12 -9.24 15.40
N THR B 218 -6.47 -8.12 15.72
CA THR B 218 -6.75 -7.47 16.99
C THR B 218 -7.07 -5.99 16.79
N TRP B 219 -8.09 -5.51 17.54
CA TRP B 219 -8.47 -4.09 17.63
C TRP B 219 -7.88 -3.52 18.91
N THR B 220 -7.18 -2.39 18.80
CA THR B 220 -6.57 -1.73 19.95
C THR B 220 -6.92 -0.25 19.99
N PHE B 221 -7.13 0.27 21.19
CA PHE B 221 -7.48 1.68 21.36
C PHE B 221 -6.26 2.58 21.18
N VAL B 222 -6.48 3.76 20.60
CA VAL B 222 -5.41 4.72 20.37
C VAL B 222 -5.81 6.11 20.87
N ALA B 223 -5.04 7.11 20.47
CA ALA B 223 -5.31 8.49 20.88
C ALA B 223 -6.72 8.91 20.49
N PRO B 224 -7.54 9.23 21.49
CA PRO B 224 -8.93 9.66 21.26
C PRO B 224 -9.00 11.06 20.68
N MET B 225 -10.01 11.33 19.85
CA MET B 225 -10.18 12.63 19.23
C MET B 225 -10.61 13.67 20.26
N LYS B 226 -10.29 14.93 19.98
CA LYS B 226 -10.63 16.03 20.88
C LYS B 226 -12.14 16.09 21.12
N HIS B 227 -12.93 15.99 20.04
CA HIS B 227 -14.37 16.22 20.11
C HIS B 227 -15.10 14.96 19.66
N ARG B 228 -15.94 14.41 20.56
CA ARG B 228 -16.75 13.27 20.19
C ARG B 228 -17.72 13.65 19.07
N ARG B 229 -17.92 12.73 18.13
CA ARG B 229 -18.66 13.06 16.94
C ARG B 229 -19.10 11.77 16.25
N SER B 230 -20.33 11.80 15.73
CA SER B 230 -20.86 10.75 14.85
C SER B 230 -21.25 11.38 13.52
N ALA B 231 -21.37 10.54 12.49
CA ALA B 231 -21.71 11.05 11.16
C ALA B 231 -20.64 12.01 10.65
N LEU B 232 -19.37 11.65 10.87
CA LEU B 232 -18.24 12.44 10.42
C LEU B 232 -17.73 11.99 9.06
N GLY B 233 -17.09 12.93 8.37
CA GLY B 233 -16.31 12.58 7.21
C GLY B 233 -14.90 12.23 7.68
N ILE B 234 -14.24 11.38 6.91
CA ILE B 234 -12.90 10.95 7.27
C ILE B 234 -12.12 10.67 6.00
N THR B 235 -10.82 10.98 6.03
CA THR B 235 -9.95 10.60 4.93
C THR B 235 -8.49 10.58 5.38
N VAL B 236 -7.64 9.99 4.55
CA VAL B 236 -6.20 9.94 4.80
C VAL B 236 -5.49 10.76 3.73
N HIS B 237 -4.62 11.67 4.17
CA HIS B 237 -3.80 12.47 3.27
C HIS B 237 -2.37 12.50 3.76
N GLN B 238 -1.43 12.14 2.88
CA GLN B 238 0.01 12.16 3.19
C GLN B 238 0.30 11.52 4.54
N GLY B 239 -0.27 10.32 4.74
CA GLY B 239 0.04 9.58 5.95
C GLY B 239 -0.56 10.10 7.24
N ARG B 240 -1.54 11.01 7.17
CA ARG B 240 -2.23 11.47 8.38
C ARG B 240 -3.74 11.37 8.20
N ILE B 241 -4.47 11.17 9.30
CA ILE B 241 -5.93 11.00 9.23
C ILE B 241 -6.61 12.33 9.49
N TYR B 242 -7.65 12.64 8.71
CA TYR B 242 -8.44 13.85 8.92
C TYR B 242 -9.90 13.49 9.15
N VAL B 243 -10.46 13.97 10.25
CA VAL B 243 -11.90 13.87 10.51
C VAL B 243 -12.51 15.26 10.40
N LEU B 244 -13.63 15.33 9.67
CA LEU B 244 -14.29 16.58 9.31
C LEU B 244 -15.75 16.52 9.78
N GLY B 245 -16.12 17.46 10.64
CA GLY B 245 -17.46 17.75 11.10
C GLY B 245 -18.08 16.62 11.88
N GLY B 246 -19.41 16.49 11.74
CA GLY B 246 -20.23 15.53 12.46
C GLY B 246 -21.16 16.21 13.44
N TYR B 247 -21.79 15.39 14.26
CA TYR B 247 -22.82 15.81 15.19
C TYR B 247 -22.49 15.21 16.56
N ASP B 248 -22.64 16.01 17.62
CA ASP B 248 -22.30 15.53 18.96
C ASP B 248 -23.52 15.45 19.86
N GLY B 249 -24.72 15.38 19.29
CA GLY B 249 -25.94 15.31 20.05
C GLY B 249 -26.59 16.65 20.34
N HIS B 250 -25.85 17.73 20.15
CA HIS B 250 -26.34 19.09 20.31
C HIS B 250 -26.02 19.97 19.11
N THR B 251 -24.81 19.84 18.56
CA THR B 251 -24.24 20.83 17.64
C THR B 251 -23.72 20.15 16.38
N PHE B 252 -23.84 20.83 15.26
CA PHE B 252 -23.21 20.42 14.02
C PHE B 252 -21.81 21.02 13.94
N LEU B 253 -20.80 20.15 14.03
CA LEU B 253 -19.41 20.55 14.20
C LEU B 253 -18.80 21.06 12.90
N ASP B 254 -17.96 22.10 13.01
CA ASP B 254 -17.06 22.46 11.92
C ASP B 254 -15.62 22.07 12.19
N SER B 255 -15.30 21.52 13.37
CA SER B 255 -13.93 21.12 13.68
C SER B 255 -13.38 20.15 12.64
N VAL B 256 -12.13 20.35 12.26
CA VAL B 256 -11.40 19.34 11.50
C VAL B 256 -10.17 18.98 12.31
N GLU B 257 -10.09 17.71 12.74
CA GLU B 257 -8.99 17.19 13.53
C GLU B 257 -8.09 16.29 12.69
N CYS B 258 -6.82 16.24 13.09
CA CYS B 258 -5.79 15.50 12.35
C CYS B 258 -5.02 14.60 13.30
N TYR B 259 -4.91 13.34 12.93
CA TYR B 259 -4.21 12.33 13.71
C TYR B 259 -2.87 12.07 13.06
N ASP B 260 -1.81 12.28 13.85
CA ASP B 260 -0.44 11.93 13.51
C ASP B 260 -0.14 10.57 14.12
N PRO B 261 0.02 9.52 13.31
CA PRO B 261 0.27 8.18 13.88
C PRO B 261 1.61 8.04 14.58
N ASP B 262 2.61 8.86 14.25
CA ASP B 262 3.92 8.67 14.86
C ASP B 262 3.94 9.17 16.29
N THR B 263 3.15 10.18 16.59
CA THR B 263 3.06 10.69 17.95
C THR B 263 1.81 10.22 18.67
N ASP B 264 0.94 9.50 18.00
CA ASP B 264 -0.36 9.13 18.57
C ASP B 264 -1.03 10.33 19.23
N THR B 265 -1.25 11.38 18.43
CA THR B 265 -1.90 12.58 18.95
C THR B 265 -2.88 13.15 17.94
N TRP B 266 -3.94 13.79 18.47
CA TRP B 266 -4.94 14.50 17.70
C TRP B 266 -4.82 16.00 17.94
N SER B 267 -4.94 16.78 16.87
CA SER B 267 -4.96 18.23 16.98
C SER B 267 -6.04 18.82 16.09
N GLU B 268 -6.58 19.96 16.49
CA GLU B 268 -7.48 20.70 15.63
C GLU B 268 -6.66 21.36 14.53
N VAL B 269 -6.94 21.01 13.29
CA VAL B 269 -6.10 21.46 12.18
C VAL B 269 -6.84 22.53 11.39
N THR B 270 -8.18 22.54 11.43
CA THR B 270 -8.91 23.57 10.71
C THR B 270 -10.33 23.66 11.24
N ARG B 271 -11.08 24.61 10.70
CA ARG B 271 -12.52 24.69 10.83
C ARG B 271 -13.12 24.65 9.43
N MET B 272 -14.19 23.88 9.24
CA MET B 272 -14.98 23.99 8.02
C MET B 272 -15.67 25.36 7.96
N THR B 273 -16.02 25.76 6.73
CA THR B 273 -16.67 27.06 6.56
C THR B 273 -18.02 27.12 7.26
N SER B 274 -18.65 25.97 7.52
CA SER B 274 -19.90 25.88 8.26
C SER B 274 -20.02 24.46 8.80
N GLY B 275 -20.47 24.35 10.04
CA GLY B 275 -20.66 23.05 10.64
C GLY B 275 -21.72 22.24 9.89
N ARG B 276 -21.50 20.93 9.84
CA ARG B 276 -22.41 20.04 9.15
C ARG B 276 -22.04 18.62 9.52
N SER B 277 -23.01 17.72 9.38
CA SER B 277 -22.81 16.28 9.50
C SER B 277 -23.13 15.59 8.18
N GLY B 278 -22.74 14.32 8.09
CA GLY B 278 -23.11 13.47 6.99
C GLY B 278 -22.45 13.72 5.66
N VAL B 279 -21.20 14.23 5.64
CA VAL B 279 -20.54 14.52 4.37
C VAL B 279 -19.95 13.28 3.73
N GLY B 280 -19.61 13.40 2.45
CA GLY B 280 -18.74 12.44 1.76
C GLY B 280 -17.38 13.07 1.53
N VAL B 281 -16.31 12.30 1.73
CA VAL B 281 -14.95 12.84 1.71
C VAL B 281 -14.05 11.93 0.89
N ALA B 282 -13.13 12.55 0.15
CA ALA B 282 -12.11 11.80 -0.61
C ALA B 282 -11.00 12.77 -1.00
N VAL B 283 -9.90 12.20 -1.51
CA VAL B 283 -8.70 12.97 -1.82
C VAL B 283 -8.40 12.83 -3.31
N THR B 284 -8.18 13.97 -3.97
CA THR B 284 -7.68 13.94 -5.36
C THR B 284 -7.10 15.28 -5.78
N ASN C 2 -32.71 12.90 14.84
CA ASN C 2 -31.81 11.72 14.71
C ASN C 2 -30.59 11.88 15.60
N PRO C 3 -30.39 11.02 16.63
CA PRO C 3 -29.28 11.28 17.59
C PRO C 3 -27.95 11.12 16.97
N GLU C 4 -27.88 10.41 15.87
CA GLU C 4 -26.64 10.03 15.32
C GLU C 4 -26.18 11.04 14.30
N THR C 5 -27.09 11.55 13.46
CA THR C 5 -26.75 12.45 12.37
C THR C 5 -27.27 13.89 12.57
N GLY C 6 -28.04 14.14 13.58
CA GLY C 6 -28.70 15.44 13.74
C GLY C 6 -29.84 15.74 12.78
N GLU C 7 -30.20 14.83 11.88
CA GLU C 7 -31.28 15.10 10.93
C GLU C 7 -32.67 14.88 11.53
#